data_7M0Y
#
_entry.id   7M0Y
#
_cell.length_a   116.716
_cell.length_b   116.716
_cell.length_c   129.483
_cell.angle_alpha   90.000
_cell.angle_beta   90.000
_cell.angle_gamma   120.000
#
_symmetry.space_group_name_H-M   'P 31 2 1'
#
loop_
_entity.id
_entity.type
_entity.pdbx_description
1 polymer 'Serine/threonine-protein kinase B-raf'
2 polymer 'Dual specificity mitogen-activated protein kinase kinase 1'
3 non-polymer 'PHOSPHOAMINOPHOSPHONIC ACID-ADENYLATE ESTER'
4 non-polymer 'MAGNESIUM ION'
5 non-polymer 'SULFATE ION'
6 non-polymer Trametinib
#
loop_
_entity_poly.entity_id
_entity_poly.type
_entity_poly.pdbx_seq_one_letter_code
_entity_poly.pdbx_strand_id
1 'polypeptide(L)'
;GGGRDSSDDWEIPDGQITVGQRIGSGSFGTVYKGKWHGDVAVKMLNVTAPTPQQLQAFKNEVGVLRKTRHVNILLFMGYS
TKPQLAIVTQWCEGSSLYHHLHIIETKFEMIKLIDIARQTAQGMDYLHAKSIIHRDLKSNNIFLHEDLTVKIGDFGLATV
KSRWSGSHQFEQLSGSILWMAPEVIRMQDKNPYSFQSDVYAFGIVLYELMTGQLPYSNINNRDQIIFMVGRGYLSPDLSK
VRSNCPKAMKRLMAECLKKKRDERPLFPQILASIELLARSLPK
;
A
2 'polypeptide(L)'
;GGGRMPKKKPTPIQLNPAPDGSAVNGTSSAETNLEALQKKLEELELDEQQRKRLEAFLTQKQKVGELKDDDFEKISELGA
GNGGVVFKVSHKPSGLVMARKLIHLEIKPAIRNQIIRELQVLHECNSPYIVGFYGAFYSDGEISICMEHMDGGSLDQVLK
KAGRIPEQILGKVSIAVIKGLTYLREKHKIMHRDVKPSNILVNSRGEIKLCDFGVSGQLIDAMANAFVGTRSYMSPERLQ
GTHYSVQSDIWSMGLSLVEMAVGRYPIPPPDAKELELMFGCQVEGDAAETPPRPRTPGRPLSSYGMDSRPPMAIFELLDY
IVNEPPPKLPSGVFSLEFQDFVNKCLIKNPAERADLKQLMVHAFIKRSDAEEVDFAGWLCSTIGLNQPSTPTHAAGV
;
B
#
loop_
_chem_comp.id
_chem_comp.type
_chem_comp.name
_chem_comp.formula
ANP non-polymer 'PHOSPHOAMINOPHOSPHONIC ACID-ADENYLATE ESTER' 'C10 H17 N6 O12 P3'
MG non-polymer 'MAGNESIUM ION' 'Mg 2'
QOM non-polymer Trametinib 'C26 H23 F I N5 O4'
SO4 non-polymer 'SULFATE ION' 'O4 S -2'
#
# COMPACT_ATOMS: atom_id res chain seq x y z
N SER A 7 -38.05 -2.83 -11.81
CA SER A 7 -37.38 -4.12 -11.67
C SER A 7 -37.02 -4.37 -10.21
N ASP A 8 -36.53 -5.57 -9.91
CA ASP A 8 -36.24 -5.94 -8.53
C ASP A 8 -35.05 -6.88 -8.41
N ASP A 9 -35.32 -8.15 -8.16
CA ASP A 9 -34.29 -9.12 -7.79
C ASP A 9 -33.25 -9.31 -8.89
N TRP A 10 -32.16 -8.54 -8.82
CA TRP A 10 -31.02 -8.70 -9.73
C TRP A 10 -29.98 -9.69 -9.20
N GLU A 11 -30.41 -10.69 -8.44
CA GLU A 11 -29.48 -11.61 -7.81
C GLU A 11 -29.28 -12.85 -8.67
N ILE A 12 -28.03 -13.29 -8.78
CA ILE A 12 -27.67 -14.47 -9.56
C ILE A 12 -27.48 -15.63 -8.58
N PRO A 13 -28.19 -16.75 -8.75
CA PRO A 13 -28.05 -17.87 -7.81
C PRO A 13 -26.69 -18.54 -7.91
N ASP A 14 -26.55 -19.70 -7.27
CA ASP A 14 -25.34 -20.48 -7.34
C ASP A 14 -25.43 -21.51 -8.47
N GLY A 15 -24.28 -22.08 -8.83
CA GLY A 15 -24.25 -23.01 -9.93
C GLY A 15 -24.50 -22.41 -11.29
N GLN A 16 -24.52 -21.08 -11.39
CA GLN A 16 -24.70 -20.40 -12.67
C GLN A 16 -23.46 -19.65 -13.12
N ILE A 17 -22.47 -19.46 -12.24
CA ILE A 17 -21.28 -18.67 -12.54
C ILE A 17 -20.08 -19.61 -12.45
N THR A 18 -19.45 -19.85 -13.60
CA THR A 18 -18.26 -20.70 -13.67
C THR A 18 -17.04 -19.83 -13.39
N VAL A 19 -16.70 -19.68 -12.10
CA VAL A 19 -15.54 -18.87 -11.73
C VAL A 19 -14.28 -19.51 -12.28
N GLY A 20 -13.48 -18.71 -12.98
CA GLY A 20 -12.29 -19.21 -13.61
C GLY A 20 -10.99 -18.70 -13.00
N GLN A 21 -10.00 -18.45 -13.85
CA GLN A 21 -8.68 -18.05 -13.37
C GLN A 21 -8.75 -16.75 -12.59
N ARG A 22 -8.05 -16.70 -11.46
CA ARG A 22 -7.95 -15.47 -10.69
C ARG A 22 -7.18 -14.42 -11.47
N ILE A 23 -7.79 -13.25 -11.64
CA ILE A 23 -7.19 -12.18 -12.44
C ILE A 23 -6.30 -11.31 -11.56
N GLY A 24 -6.89 -10.71 -10.53
CA GLY A 24 -6.13 -9.85 -9.64
C GLY A 24 -7.05 -9.11 -8.69
N SER A 25 -6.43 -8.54 -7.67
CA SER A 25 -7.12 -7.79 -6.63
C SER A 25 -6.89 -6.30 -6.81
N GLY A 26 -7.86 -5.51 -6.38
CA GLY A 26 -7.81 -4.07 -6.50
C GLY A 26 -7.98 -3.37 -5.18
N SER A 27 -8.79 -2.31 -5.16
CA SER A 27 -9.03 -1.54 -3.97
C SER A 27 -10.19 -2.07 -3.14
N PHE A 28 -11.13 -2.80 -3.75
CA PHE A 28 -12.28 -3.27 -2.98
C PHE A 28 -12.77 -4.66 -3.43
N GLY A 29 -11.94 -5.43 -4.13
CA GLY A 29 -12.35 -6.76 -4.54
C GLY A 29 -11.24 -7.46 -5.28
N THR A 30 -11.48 -8.74 -5.57
CA THR A 30 -10.57 -9.59 -6.33
C THR A 30 -11.32 -10.14 -7.53
N VAL A 31 -10.79 -9.89 -8.72
CA VAL A 31 -11.49 -10.20 -9.96
C VAL A 31 -11.09 -11.59 -10.46
N TYR A 32 -12.09 -12.39 -10.84
CA TYR A 32 -11.89 -13.65 -11.53
C TYR A 32 -12.63 -13.60 -12.85
N LYS A 33 -12.13 -14.34 -13.83
CA LYS A 33 -12.81 -14.47 -15.12
C LYS A 33 -13.76 -15.66 -15.03
N GLY A 34 -15.05 -15.37 -14.86
CA GLY A 34 -16.06 -16.40 -14.78
C GLY A 34 -16.88 -16.50 -16.06
N LYS A 35 -17.67 -17.57 -16.13
CA LYS A 35 -18.58 -17.81 -17.24
C LYS A 35 -20.01 -17.58 -16.77
N TRP A 36 -20.80 -16.92 -17.61
CA TRP A 36 -22.21 -16.66 -17.32
C TRP A 36 -22.90 -16.12 -18.56
N HIS A 37 -23.38 -17.01 -19.43
CA HIS A 37 -23.90 -16.64 -20.74
C HIS A 37 -22.83 -15.89 -21.53
N GLY A 38 -21.60 -16.36 -21.42
CA GLY A 38 -20.44 -15.70 -22.00
C GLY A 38 -19.47 -15.23 -20.94
N ASP A 39 -18.29 -14.85 -21.42
CA ASP A 39 -17.25 -14.37 -20.51
C ASP A 39 -17.74 -13.18 -19.70
N VAL A 40 -17.54 -13.24 -18.39
CA VAL A 40 -17.88 -12.15 -17.48
C VAL A 40 -16.73 -11.95 -16.50
N ALA A 41 -16.79 -10.85 -15.75
CA ALA A 41 -15.79 -10.52 -14.76
C ALA A 41 -16.44 -10.58 -13.39
N VAL A 42 -16.02 -11.54 -12.58
CA VAL A 42 -16.58 -11.76 -11.24
C VAL A 42 -15.58 -11.19 -10.24
N LYS A 43 -15.97 -10.10 -9.57
CA LYS A 43 -15.16 -9.47 -8.53
C LYS A 43 -15.68 -9.91 -7.18
N MET A 44 -14.87 -10.68 -6.44
CA MET A 44 -15.23 -11.12 -5.10
C MET A 44 -15.01 -9.95 -4.14
N LEU A 45 -16.09 -9.31 -3.71
CA LEU A 45 -15.98 -8.14 -2.85
C LEU A 45 -15.25 -8.49 -1.56
N ASN A 46 -14.62 -7.48 -0.97
CA ASN A 46 -13.91 -7.68 0.29
C ASN A 46 -14.88 -7.80 1.46
N VAL A 47 -16.01 -7.10 1.40
CA VAL A 47 -17.03 -7.21 2.44
C VAL A 47 -17.80 -8.50 2.23
N THR A 48 -17.19 -9.63 2.59
CA THR A 48 -17.83 -10.92 2.36
C THR A 48 -18.99 -11.16 3.31
N ALA A 49 -18.95 -10.58 4.52
CA ALA A 49 -20.03 -10.69 5.50
C ALA A 49 -20.69 -9.33 5.64
N PRO A 50 -21.76 -9.07 4.89
CA PRO A 50 -22.43 -7.77 4.96
C PRO A 50 -23.59 -7.75 5.94
N THR A 51 -23.87 -6.56 6.46
CA THR A 51 -24.98 -6.39 7.37
C THR A 51 -26.29 -6.21 6.59
N PRO A 52 -27.41 -6.63 7.17
CA PRO A 52 -28.69 -6.49 6.45
C PRO A 52 -28.99 -5.06 6.03
N GLN A 53 -28.50 -4.05 6.77
CA GLN A 53 -28.65 -2.68 6.31
C GLN A 53 -27.72 -2.37 5.16
N GLN A 54 -26.45 -2.80 5.26
CA GLN A 54 -25.52 -2.62 4.16
C GLN A 54 -25.98 -3.40 2.92
N LEU A 55 -26.50 -4.61 3.13
CA LEU A 55 -26.94 -5.43 2.01
C LEU A 55 -28.05 -4.76 1.23
N GLN A 56 -29.06 -4.22 1.94
CA GLN A 56 -30.17 -3.59 1.26
C GLN A 56 -29.72 -2.32 0.53
N ALA A 57 -28.77 -1.58 1.10
CA ALA A 57 -28.21 -0.44 0.39
C ALA A 57 -27.43 -0.88 -0.84
N PHE A 58 -26.68 -1.98 -0.74
CA PHE A 58 -25.99 -2.52 -1.89
C PHE A 58 -26.97 -2.95 -2.97
N LYS A 59 -28.08 -3.58 -2.58
CA LYS A 59 -29.10 -3.95 -3.55
C LYS A 59 -29.68 -2.72 -4.25
N ASN A 60 -29.97 -1.67 -3.48
CA ASN A 60 -30.53 -0.45 -4.08
C ASN A 60 -29.56 0.15 -5.09
N GLU A 61 -28.27 0.17 -4.76
CA GLU A 61 -27.29 0.73 -5.69
C GLU A 61 -27.12 -0.15 -6.92
N VAL A 62 -27.19 -1.48 -6.74
CA VAL A 62 -27.17 -2.38 -7.89
C VAL A 62 -28.34 -2.09 -8.81
N GLY A 63 -29.50 -1.72 -8.24
CA GLY A 63 -30.64 -1.39 -9.07
C GLY A 63 -30.41 -0.16 -9.91
N VAL A 64 -29.68 0.83 -9.37
CA VAL A 64 -29.37 2.04 -10.14
C VAL A 64 -28.31 1.76 -11.19
N LEU A 65 -27.35 0.88 -10.89
CA LEU A 65 -26.28 0.58 -11.85
C LEU A 65 -26.74 -0.31 -12.98
N ARG A 66 -27.80 -1.12 -12.76
CA ARG A 66 -28.27 -2.01 -13.81
C ARG A 66 -28.95 -1.25 -14.94
N LYS A 67 -29.58 -0.12 -14.64
CA LYS A 67 -30.26 0.68 -15.64
C LYS A 67 -29.30 1.60 -16.41
N THR A 68 -28.01 1.33 -16.37
CA THR A 68 -27.01 2.11 -17.08
C THR A 68 -26.63 1.39 -18.37
N ARG A 69 -26.65 2.12 -19.47
CA ARG A 69 -26.27 1.55 -20.73
C ARG A 69 -25.68 2.63 -21.57
N HIS A 70 -24.40 2.58 -21.79
CA HIS A 70 -23.66 3.54 -22.61
C HIS A 70 -22.47 2.83 -23.25
N VAL A 71 -22.12 3.28 -24.45
CA VAL A 71 -21.07 2.62 -25.22
C VAL A 71 -19.73 2.71 -24.51
N ASN A 72 -19.51 3.75 -23.71
CA ASN A 72 -18.26 3.93 -22.98
C ASN A 72 -18.38 3.48 -21.53
N ILE A 73 -19.32 2.60 -21.21
CA ILE A 73 -19.55 2.12 -19.85
C ILE A 73 -19.58 0.61 -19.87
N LEU A 74 -18.84 -0.01 -18.96
CA LEU A 74 -18.90 -1.46 -18.81
C LEU A 74 -20.27 -1.86 -18.25
N LEU A 75 -20.90 -2.82 -18.90
CA LEU A 75 -22.23 -3.26 -18.46
C LEU A 75 -22.17 -3.82 -17.05
N PHE A 76 -23.20 -3.52 -16.26
CA PHE A 76 -23.36 -4.07 -14.91
C PHE A 76 -24.47 -5.12 -14.98
N MET A 77 -24.10 -6.39 -14.80
CA MET A 77 -25.01 -7.49 -15.03
C MET A 77 -25.67 -8.01 -13.76
N GLY A 78 -25.37 -7.43 -12.61
CA GLY A 78 -25.96 -7.87 -11.37
C GLY A 78 -24.95 -8.33 -10.34
N TYR A 79 -25.40 -9.16 -9.40
CA TYR A 79 -24.54 -9.61 -8.31
C TYR A 79 -24.94 -11.02 -7.92
N SER A 80 -24.17 -11.60 -7.00
CA SER A 80 -24.47 -12.89 -6.41
C SER A 80 -24.10 -12.86 -4.95
N THR A 81 -24.65 -13.82 -4.19
CA THR A 81 -24.37 -13.91 -2.77
C THR A 81 -24.31 -15.34 -2.26
N LYS A 82 -24.24 -16.34 -3.15
CA LYS A 82 -24.26 -17.72 -2.72
C LYS A 82 -22.96 -18.08 -2.00
N PRO A 83 -21.83 -18.19 -2.69
CA PRO A 83 -20.57 -18.47 -2.00
C PRO A 83 -20.19 -17.30 -1.10
N GLN A 84 -19.99 -16.14 -1.72
CA GLN A 84 -19.79 -14.90 -1.00
C GLN A 84 -20.33 -13.76 -1.88
N LEU A 85 -20.44 -12.57 -1.28
CA LEU A 85 -20.93 -11.43 -2.02
C LEU A 85 -19.96 -11.06 -3.13
N ALA A 86 -20.45 -11.01 -4.37
CA ALA A 86 -19.60 -10.75 -5.53
C ALA A 86 -20.34 -9.87 -6.52
N ILE A 87 -19.61 -9.40 -7.52
CA ILE A 87 -20.14 -8.53 -8.56
C ILE A 87 -19.86 -9.17 -9.91
N VAL A 88 -20.86 -9.14 -10.79
CA VAL A 88 -20.76 -9.73 -12.13
C VAL A 88 -20.87 -8.59 -13.14
N THR A 89 -19.81 -8.37 -13.90
CA THR A 89 -19.77 -7.32 -14.90
C THR A 89 -19.21 -7.86 -16.21
N GLN A 90 -19.43 -7.10 -17.27
CA GLN A 90 -18.98 -7.49 -18.61
C GLN A 90 -17.47 -7.70 -18.62
N TRP A 91 -17.03 -8.81 -19.20
CA TRP A 91 -15.61 -9.09 -19.35
C TRP A 91 -15.05 -8.36 -20.56
N CYS A 92 -13.90 -7.72 -20.38
CA CYS A 92 -13.29 -6.89 -21.40
C CYS A 92 -12.02 -7.54 -21.90
N GLU A 93 -11.87 -7.59 -23.23
CA GLU A 93 -10.64 -8.04 -23.84
C GLU A 93 -9.58 -6.94 -23.80
N GLY A 94 -8.40 -7.22 -24.31
CA GLY A 94 -7.34 -6.24 -24.37
C GLY A 94 -6.93 -5.71 -23.01
N SER A 95 -5.92 -4.85 -22.99
CA SER A 95 -5.38 -4.31 -21.75
C SER A 95 -6.06 -3.00 -21.38
N SER A 96 -5.92 -2.63 -20.11
CA SER A 96 -6.44 -1.36 -19.63
C SER A 96 -5.56 -0.21 -20.08
N LEU A 97 -6.04 1.01 -19.86
CA LEU A 97 -5.26 2.19 -20.22
C LEU A 97 -3.97 2.25 -19.42
N TYR A 98 -4.01 1.84 -18.15
CA TYR A 98 -2.80 1.82 -17.34
C TYR A 98 -1.73 0.93 -17.96
N HIS A 99 -2.13 -0.25 -18.45
CA HIS A 99 -1.16 -1.15 -19.06
C HIS A 99 -0.56 -0.54 -20.33
N HIS A 100 -1.37 0.12 -21.14
CA HIS A 100 -0.86 0.74 -22.35
C HIS A 100 0.13 1.84 -22.04
N LEU A 101 -0.21 2.74 -21.11
CA LEU A 101 0.59 3.92 -20.86
C LEU A 101 1.85 3.61 -20.05
N HIS A 102 1.73 2.75 -19.03
CA HIS A 102 2.78 2.61 -18.04
C HIS A 102 3.44 1.24 -17.99
N ILE A 103 2.89 0.24 -18.68
CA ILE A 103 3.48 -1.10 -18.67
C ILE A 103 3.89 -1.48 -20.09
N ILE A 104 2.91 -1.56 -20.99
CA ILE A 104 3.21 -1.88 -22.39
C ILE A 104 3.86 -0.71 -23.10
N GLU A 105 3.67 0.51 -22.62
CA GLU A 105 4.22 1.71 -23.25
C GLU A 105 3.83 1.79 -24.72
N THR A 106 2.55 1.52 -25.00
CA THR A 106 2.04 1.69 -26.35
C THR A 106 2.24 3.13 -26.80
N LYS A 107 2.52 3.32 -28.08
CA LYS A 107 2.84 4.62 -28.65
C LYS A 107 1.68 5.09 -29.51
N PHE A 108 0.75 5.81 -28.90
CA PHE A 108 -0.38 6.41 -29.61
C PHE A 108 0.02 7.75 -30.21
N GLU A 109 -0.77 8.19 -31.18
CA GLU A 109 -0.64 9.54 -31.71
C GLU A 109 -1.56 10.49 -30.95
N MET A 110 -1.24 11.79 -31.02
CA MET A 110 -2.04 12.77 -30.30
C MET A 110 -3.51 12.70 -30.68
N ILE A 111 -3.81 12.36 -31.93
CA ILE A 111 -5.20 12.18 -32.34
C ILE A 111 -5.87 11.10 -31.51
N LYS A 112 -5.22 9.92 -31.44
CA LYS A 112 -5.77 8.80 -30.69
C LYS A 112 -5.83 9.11 -29.19
N LEU A 113 -4.82 9.81 -28.67
CA LEU A 113 -4.82 10.17 -27.25
C LEU A 113 -6.00 11.09 -26.92
N ILE A 114 -6.19 12.14 -27.72
CA ILE A 114 -7.30 13.04 -27.48
C ILE A 114 -8.64 12.32 -27.64
N ASP A 115 -8.70 11.35 -28.57
CA ASP A 115 -9.92 10.57 -28.72
C ASP A 115 -10.19 9.73 -27.48
N ILE A 116 -9.15 9.14 -26.89
CA ILE A 116 -9.33 8.39 -25.65
C ILE A 116 -9.85 9.31 -24.55
N ALA A 117 -9.36 10.55 -24.51
CA ALA A 117 -9.86 11.52 -23.54
C ALA A 117 -11.31 11.89 -23.82
N ARG A 118 -11.68 11.96 -25.10
CA ARG A 118 -13.07 12.30 -25.44
C ARG A 118 -14.03 11.22 -24.97
N GLN A 119 -13.79 9.97 -25.38
CA GLN A 119 -14.68 8.88 -24.98
C GLN A 119 -14.78 8.77 -23.47
N THR A 120 -13.66 8.92 -22.77
CA THR A 120 -13.69 8.88 -21.31
C THR A 120 -14.60 9.97 -20.76
N ALA A 121 -14.45 11.19 -21.27
CA ALA A 121 -15.36 12.27 -20.89
C ALA A 121 -16.79 11.94 -21.30
N GLN A 122 -16.95 11.30 -22.47
CA GLN A 122 -18.27 10.89 -22.92
C GLN A 122 -18.95 9.99 -21.89
N GLY A 123 -18.27 8.89 -21.51
CA GLY A 123 -18.84 8.00 -20.52
C GLY A 123 -19.07 8.67 -19.19
N MET A 124 -18.08 9.44 -18.72
CA MET A 124 -18.22 10.15 -17.46
C MET A 124 -19.40 11.12 -17.50
N ASP A 125 -19.57 11.82 -18.61
CA ASP A 125 -20.70 12.73 -18.75
C ASP A 125 -22.02 11.98 -18.63
N TYR A 126 -22.08 10.77 -19.17
CA TYR A 126 -23.29 9.96 -19.03
C TYR A 126 -23.53 9.57 -17.58
N LEU A 127 -22.48 9.18 -16.87
CA LEU A 127 -22.63 8.76 -15.48
C LEU A 127 -23.15 9.90 -14.61
N HIS A 128 -22.56 11.08 -14.74
CA HIS A 128 -23.04 12.23 -13.99
C HIS A 128 -24.42 12.66 -14.46
N ALA A 129 -24.73 12.44 -15.74
CA ALA A 129 -26.08 12.73 -16.22
C ALA A 129 -27.13 11.93 -15.44
N LYS A 130 -26.79 10.71 -15.06
CA LYS A 130 -27.63 9.90 -14.19
C LYS A 130 -27.26 10.04 -12.72
N SER A 131 -26.54 11.10 -12.37
CA SER A 131 -26.19 11.40 -10.98
C SER A 131 -25.49 10.20 -10.32
N ILE A 132 -24.43 9.74 -10.98
CA ILE A 132 -23.63 8.61 -10.49
C ILE A 132 -22.20 9.09 -10.30
N ILE A 133 -21.73 9.08 -9.07
CA ILE A 133 -20.35 9.44 -8.76
C ILE A 133 -19.48 8.19 -8.89
N HIS A 134 -18.43 8.29 -9.70
CA HIS A 134 -17.58 7.13 -9.95
C HIS A 134 -16.83 6.70 -8.69
N ARG A 135 -16.12 7.63 -8.07
CA ARG A 135 -15.39 7.45 -6.82
C ARG A 135 -14.02 6.80 -7.03
N ASP A 136 -13.75 6.22 -8.19
CA ASP A 136 -12.49 5.51 -8.42
C ASP A 136 -12.10 5.60 -9.89
N LEU A 137 -12.16 6.79 -10.46
CA LEU A 137 -11.78 6.99 -11.86
C LEU A 137 -10.26 6.98 -11.97
N LYS A 138 -9.74 6.11 -12.83
CA LYS A 138 -8.31 5.99 -13.04
C LYS A 138 -8.07 5.14 -14.28
N SER A 139 -6.84 5.22 -14.80
CA SER A 139 -6.49 4.44 -15.99
C SER A 139 -6.63 2.94 -15.75
N ASN A 140 -6.63 2.49 -14.50
CA ASN A 140 -6.85 1.08 -14.21
C ASN A 140 -8.29 0.67 -14.50
N ASN A 141 -9.24 1.60 -14.38
CA ASN A 141 -10.64 1.34 -14.64
C ASN A 141 -11.10 1.89 -15.99
N ILE A 142 -10.19 1.94 -16.96
CA ILE A 142 -10.49 2.35 -18.33
C ILE A 142 -9.89 1.30 -19.25
N PHE A 143 -10.76 0.55 -19.95
CA PHE A 143 -10.32 -0.48 -20.87
C PHE A 143 -10.56 -0.03 -22.30
N LEU A 144 -9.72 -0.51 -23.21
CA LEU A 144 -9.79 -0.16 -24.63
C LEU A 144 -10.27 -1.39 -25.39
N HIS A 145 -11.58 -1.64 -25.33
CA HIS A 145 -12.18 -2.77 -26.01
C HIS A 145 -11.85 -2.75 -27.49
N GLU A 146 -11.08 -3.74 -27.95
CA GLU A 146 -10.67 -3.86 -29.34
C GLU A 146 -9.72 -2.76 -29.77
N ASP A 147 -9.03 -2.13 -28.81
CA ASP A 147 -8.04 -1.09 -29.10
C ASP A 147 -8.69 0.22 -29.51
N LEU A 148 -9.99 0.17 -29.85
CA LEU A 148 -10.66 1.35 -30.38
C LEU A 148 -11.53 2.04 -29.33
N THR A 149 -12.59 1.38 -28.89
CA THR A 149 -13.56 2.01 -28.00
C THR A 149 -13.08 1.98 -26.55
N VAL A 150 -13.54 2.96 -25.79
CA VAL A 150 -13.20 3.10 -24.36
C VAL A 150 -14.36 2.58 -23.53
N LYS A 151 -14.05 1.92 -22.42
CA LYS A 151 -15.06 1.39 -21.52
C LYS A 151 -14.63 1.64 -20.08
N ILE A 152 -15.42 2.44 -19.36
CA ILE A 152 -15.15 2.76 -17.96
C ILE A 152 -15.81 1.71 -17.09
N GLY A 153 -15.08 1.24 -16.07
CA GLY A 153 -15.60 0.24 -15.16
C GLY A 153 -15.39 0.66 -13.70
N ASP A 154 -15.88 -0.21 -12.81
CA ASP A 154 -15.74 -0.01 -11.37
C ASP A 154 -16.26 1.36 -10.94
N PHE A 155 -17.37 1.78 -11.54
CA PHE A 155 -17.99 3.04 -11.19
C PHE A 155 -19.06 2.85 -10.15
N GLY A 156 -19.18 3.80 -9.23
CA GLY A 156 -20.18 3.70 -8.20
C GLY A 156 -19.78 2.74 -7.12
N LEU A 157 -20.75 1.96 -6.63
CA LEU A 157 -20.51 0.96 -5.60
C LEU A 157 -19.95 1.58 -4.32
N ALA A 158 -20.61 2.65 -3.87
CA ALA A 158 -20.21 3.30 -2.62
C ALA A 158 -20.52 2.45 -1.40
N THR A 159 -21.52 1.56 -1.48
CA THR A 159 -21.93 0.79 -0.32
C THR A 159 -21.01 -0.40 -0.05
N VAL A 160 -20.36 -0.94 -1.09
CA VAL A 160 -19.39 -2.01 -0.88
C VAL A 160 -17.99 -1.48 -0.57
N LYS A 161 -17.76 -0.19 -0.78
CA LYS A 161 -16.52 0.46 -0.39
C LYS A 161 -16.72 1.14 0.96
N SER A 162 -15.76 0.96 1.86
CA SER A 162 -15.89 1.43 3.24
C SER A 162 -16.88 0.56 4.01
N ARG A 163 -16.39 -0.54 4.57
CA ARG A 163 -17.23 -1.42 5.37
C ARG A 163 -18.01 -0.63 6.42
N TRP A 164 -19.22 -1.08 6.70
CA TRP A 164 -20.10 -0.37 7.62
C TRP A 164 -19.89 -0.86 9.05
N SER A 165 -20.42 -0.09 10.00
CA SER A 165 -20.45 -0.47 11.40
C SER A 165 -21.78 -1.08 11.82
N GLY A 166 -22.88 -0.56 11.29
CA GLY A 166 -24.20 -1.08 11.56
C GLY A 166 -25.22 -0.39 10.68
N SER A 167 -25.26 0.94 10.73
CA SER A 167 -26.08 1.73 9.83
C SER A 167 -25.33 2.97 9.33
N HIS A 168 -24.01 3.00 9.47
CA HIS A 168 -23.18 4.09 8.99
C HIS A 168 -22.22 3.58 7.93
N GLN A 169 -21.78 4.49 7.05
CA GLN A 169 -20.80 4.17 6.01
C GLN A 169 -19.79 5.32 5.90
N PHE A 170 -18.99 5.48 6.94
CA PHE A 170 -17.92 6.48 6.91
C PHE A 170 -16.85 6.03 5.94
N GLU A 171 -16.78 6.67 4.78
CA GLU A 171 -15.83 6.31 3.73
C GLU A 171 -14.41 6.26 4.27
N GLN A 172 -13.97 5.10 4.72
CA GLN A 172 -12.55 4.91 5.05
C GLN A 172 -11.76 5.00 3.75
N LEU A 173 -11.11 6.15 3.53
CA LEU A 173 -10.39 6.44 2.30
C LEU A 173 -9.64 5.21 1.78
N SER A 174 -10.06 4.69 0.63
CA SER A 174 -9.40 3.55 0.01
C SER A 174 -9.30 3.77 -1.49
N GLY A 175 -8.43 3.00 -2.12
CA GLY A 175 -8.13 3.14 -3.53
C GLY A 175 -6.71 3.67 -3.73
N SER A 176 -6.40 3.92 -5.00
CA SER A 176 -5.10 4.51 -5.34
C SER A 176 -5.13 6.01 -5.06
N ILE A 177 -4.03 6.51 -4.50
CA ILE A 177 -4.00 7.89 -4.03
C ILE A 177 -3.69 8.89 -5.14
N LEU A 178 -3.14 8.44 -6.27
CA LEU A 178 -2.70 9.37 -7.30
C LEU A 178 -3.85 10.16 -7.90
N TRP A 179 -5.03 9.57 -8.00
CA TRP A 179 -6.19 10.22 -8.61
C TRP A 179 -7.12 10.84 -7.58
N MET A 180 -6.80 10.77 -6.29
CA MET A 180 -7.68 11.30 -5.27
C MET A 180 -7.57 12.82 -5.20
N ALA A 181 -8.72 13.49 -5.23
CA ALA A 181 -8.74 14.93 -5.09
C ALA A 181 -8.38 15.32 -3.66
N PRO A 182 -7.89 16.56 -3.45
CA PRO A 182 -7.53 16.97 -2.09
C PRO A 182 -8.65 16.82 -1.09
N GLU A 183 -9.86 17.33 -1.40
CA GLU A 183 -10.96 17.21 -0.46
C GLU A 183 -11.27 15.77 -0.14
N VAL A 184 -10.97 14.85 -1.07
CA VAL A 184 -11.15 13.42 -0.78
C VAL A 184 -10.06 12.94 0.16
N ILE A 185 -8.82 13.34 -0.08
CA ILE A 185 -7.72 12.92 0.79
C ILE A 185 -8.00 13.30 2.23
N ARG A 186 -8.48 14.53 2.46
CA ARG A 186 -8.72 14.99 3.82
C ARG A 186 -9.86 14.23 4.48
N MET A 187 -10.93 13.92 3.72
CA MET A 187 -12.07 13.19 4.27
C MET A 187 -12.70 13.94 5.43
N GLN A 188 -12.80 15.26 5.32
CA GLN A 188 -13.21 16.11 6.43
C GLN A 188 -14.67 16.53 6.35
N ASP A 189 -15.14 16.99 5.21
CA ASP A 189 -16.46 17.63 5.09
C ASP A 189 -17.46 16.65 4.49
N LYS A 190 -18.24 16.00 5.36
CA LYS A 190 -19.41 15.23 4.96
C LYS A 190 -19.11 14.24 3.84
N ASN A 191 -19.46 14.60 2.61
CA ASN A 191 -19.30 13.75 1.43
C ASN A 191 -18.22 14.33 0.53
N PRO A 192 -16.96 13.89 0.65
CA PRO A 192 -15.92 14.43 -0.23
C PRO A 192 -16.08 13.97 -1.68
N TYR A 193 -16.61 12.77 -1.91
CA TYR A 193 -16.79 12.27 -3.25
C TYR A 193 -17.94 13.03 -3.93
N SER A 194 -17.61 13.78 -4.98
CA SER A 194 -18.58 14.57 -5.71
C SER A 194 -18.26 14.48 -7.20
N PHE A 195 -19.04 15.18 -8.01
CA PHE A 195 -18.72 15.27 -9.43
C PHE A 195 -17.34 15.87 -9.64
N GLN A 196 -16.99 16.89 -8.85
CA GLN A 196 -15.70 17.54 -9.00
C GLN A 196 -14.56 16.63 -8.56
N SER A 197 -14.81 15.71 -7.62
CA SER A 197 -13.79 14.74 -7.26
C SER A 197 -13.51 13.78 -8.41
N ASP A 198 -14.54 13.44 -9.19
CA ASP A 198 -14.33 12.65 -10.40
C ASP A 198 -13.62 13.48 -11.46
N VAL A 199 -14.00 14.76 -11.59
CA VAL A 199 -13.34 15.62 -12.57
C VAL A 199 -11.86 15.75 -12.27
N TYR A 200 -11.50 15.78 -10.99
CA TYR A 200 -10.09 15.80 -10.62
C TYR A 200 -9.39 14.53 -11.08
N ALA A 201 -9.95 13.37 -10.72
CA ALA A 201 -9.39 12.11 -11.20
C ALA A 201 -9.26 12.11 -12.72
N PHE A 202 -10.28 12.59 -13.42
CA PHE A 202 -10.18 12.74 -14.87
C PHE A 202 -9.00 13.64 -15.25
N GLY A 203 -8.77 14.69 -14.45
CA GLY A 203 -7.61 15.54 -14.71
C GLY A 203 -6.30 14.79 -14.57
N ILE A 204 -6.21 13.89 -13.60
CA ILE A 204 -5.01 13.07 -13.45
C ILE A 204 -4.89 12.10 -14.61
N VAL A 205 -6.01 11.59 -15.13
CA VAL A 205 -5.97 10.75 -16.31
C VAL A 205 -5.45 11.54 -17.50
N LEU A 206 -5.91 12.79 -17.64
CA LEU A 206 -5.37 13.67 -18.68
C LEU A 206 -3.86 13.81 -18.52
N TYR A 207 -3.40 14.02 -17.29
CA TYR A 207 -1.96 14.06 -17.04
C TYR A 207 -1.28 12.79 -17.52
N GLU A 208 -1.89 11.63 -17.25
CA GLU A 208 -1.37 10.38 -17.77
C GLU A 208 -1.24 10.42 -19.29
N LEU A 209 -2.31 10.84 -19.97
CA LEU A 209 -2.32 10.79 -21.44
C LEU A 209 -1.33 11.77 -22.04
N MET A 210 -1.18 12.96 -21.45
CA MET A 210 -0.38 14.01 -22.03
C MET A 210 1.07 13.99 -21.60
N THR A 211 1.42 13.21 -20.58
CA THR A 211 2.80 13.10 -20.13
C THR A 211 3.39 11.70 -20.23
N GLY A 212 2.56 10.69 -20.45
CA GLY A 212 3.00 9.30 -20.41
C GLY A 212 3.53 8.84 -19.06
N GLN A 213 3.39 9.67 -18.02
CA GLN A 213 3.88 9.34 -16.68
C GLN A 213 2.76 9.42 -15.67
N LEU A 214 2.94 8.72 -14.55
CA LEU A 214 2.07 8.95 -13.40
C LEU A 214 2.48 10.24 -12.69
N PRO A 215 1.54 10.94 -12.08
CA PRO A 215 1.87 12.19 -11.39
C PRO A 215 2.82 11.95 -10.23
N TYR A 216 3.56 12.99 -9.88
CA TYR A 216 4.53 12.94 -8.78
C TYR A 216 5.59 11.88 -9.03
N SER A 217 6.28 12.03 -10.17
CA SER A 217 7.32 11.10 -10.56
C SER A 217 8.57 11.21 -9.71
N ASN A 218 8.72 12.29 -8.94
CA ASN A 218 9.88 12.49 -8.09
C ASN A 218 9.58 12.26 -6.61
N ILE A 219 8.38 11.83 -6.26
CA ILE A 219 7.99 11.56 -4.89
C ILE A 219 7.68 10.08 -4.79
N ASN A 220 8.52 9.33 -4.07
CA ASN A 220 8.34 7.89 -3.90
C ASN A 220 7.95 7.52 -2.48
N ASN A 221 7.20 8.42 -1.81
CA ASN A 221 6.70 8.17 -0.46
C ASN A 221 5.19 8.26 -0.48
N ARG A 222 4.51 7.15 -0.21
CA ARG A 222 3.05 7.12 -0.28
C ARG A 222 2.44 8.12 0.68
N ASP A 223 2.86 8.10 1.94
CA ASP A 223 2.25 8.96 2.95
C ASP A 223 2.64 10.42 2.76
N GLN A 224 3.82 10.68 2.19
CA GLN A 224 4.19 12.06 1.88
C GLN A 224 3.26 12.67 0.85
N ILE A 225 2.89 11.90 -0.17
CA ILE A 225 1.95 12.38 -1.17
C ILE A 225 0.58 12.60 -0.55
N ILE A 226 0.15 11.69 0.33
CA ILE A 226 -1.14 11.83 0.99
C ILE A 226 -1.21 13.15 1.75
N PHE A 227 -0.22 13.40 2.62
CA PHE A 227 -0.23 14.59 3.45
C PHE A 227 -0.08 15.85 2.60
N MET A 228 0.92 15.88 1.72
CA MET A 228 1.19 17.10 0.95
C MET A 228 0.06 17.43 -0.01
N VAL A 229 -0.52 16.42 -0.65
CA VAL A 229 -1.63 16.69 -1.57
C VAL A 229 -2.87 17.14 -0.80
N GLY A 230 -3.14 16.52 0.35
CA GLY A 230 -4.27 16.93 1.15
C GLY A 230 -4.10 18.32 1.74
N ARG A 231 -2.86 18.75 1.96
CA ARG A 231 -2.56 20.06 2.50
C ARG A 231 -2.45 21.13 1.43
N GLY A 232 -2.61 20.78 0.16
CA GLY A 232 -2.44 21.75 -0.90
C GLY A 232 -1.01 22.14 -1.18
N TYR A 233 -0.04 21.37 -0.68
CA TYR A 233 1.37 21.66 -0.93
C TYR A 233 1.89 21.02 -2.20
N LEU A 234 1.28 19.92 -2.65
CA LEU A 234 1.75 19.16 -3.79
C LEU A 234 0.71 19.19 -4.91
N SER A 235 1.18 19.33 -6.14
CA SER A 235 0.33 19.37 -7.32
C SER A 235 1.06 18.70 -8.46
N PRO A 236 0.35 18.04 -9.37
CA PRO A 236 1.02 17.43 -10.52
C PRO A 236 1.81 18.45 -11.31
N ASP A 237 3.10 18.18 -11.51
CA ASP A 237 3.97 19.08 -12.26
C ASP A 237 3.56 19.05 -13.74
N LEU A 238 2.97 20.15 -14.21
CA LEU A 238 2.49 20.23 -15.58
C LEU A 238 3.61 20.47 -16.58
N SER A 239 4.83 20.77 -16.13
CA SER A 239 5.95 20.88 -17.04
C SER A 239 6.17 19.59 -17.81
N LYS A 240 5.85 18.45 -17.19
CA LYS A 240 6.03 17.12 -17.76
C LYS A 240 5.10 16.83 -18.94
N VAL A 241 4.32 17.79 -19.43
CA VAL A 241 3.44 17.54 -20.57
C VAL A 241 4.26 17.48 -21.84
N ARG A 242 3.94 16.52 -22.71
CA ARG A 242 4.63 16.36 -23.98
C ARG A 242 4.64 17.67 -24.76
N SER A 243 5.60 17.81 -25.68
CA SER A 243 5.72 19.05 -26.45
C SER A 243 4.64 19.17 -27.52
N ASN A 244 4.22 18.05 -28.11
CA ASN A 244 3.20 18.07 -29.15
C ASN A 244 1.78 18.16 -28.59
N CYS A 245 1.63 18.34 -27.28
CA CYS A 245 0.31 18.39 -26.67
C CYS A 245 -0.34 19.76 -26.94
N PRO A 246 -1.60 19.79 -27.35
CA PRO A 246 -2.25 21.09 -27.62
C PRO A 246 -2.31 21.95 -26.38
N LYS A 247 -2.16 23.27 -26.59
CA LYS A 247 -2.25 24.20 -25.47
C LYS A 247 -3.63 24.16 -24.81
N ALA A 248 -4.69 24.12 -25.63
CA ALA A 248 -6.04 24.07 -25.07
C ALA A 248 -6.23 22.84 -24.20
N MET A 249 -5.66 21.70 -24.62
CA MET A 249 -5.75 20.50 -23.80
C MET A 249 -5.05 20.70 -22.45
N LYS A 250 -3.86 21.30 -22.48
CA LYS A 250 -3.13 21.54 -21.23
C LYS A 250 -3.90 22.49 -20.32
N ARG A 251 -4.53 23.51 -20.90
CA ARG A 251 -5.32 24.43 -20.08
C ARG A 251 -6.53 23.73 -19.47
N LEU A 252 -7.17 22.83 -20.23
CA LEU A 252 -8.28 22.06 -19.68
C LEU A 252 -7.83 21.15 -18.57
N MET A 253 -6.66 20.52 -18.73
CA MET A 253 -6.12 19.67 -17.67
C MET A 253 -5.90 20.45 -16.38
N ALA A 254 -5.33 21.66 -16.50
CA ALA A 254 -5.09 22.47 -15.31
C ALA A 254 -6.41 22.87 -14.64
N GLU A 255 -7.46 23.08 -15.43
CA GLU A 255 -8.75 23.44 -14.85
C GLU A 255 -9.35 22.29 -14.06
N CYS A 256 -9.16 21.06 -14.53
CA CYS A 256 -9.72 19.89 -13.83
C CYS A 256 -9.01 19.60 -12.52
N LEU A 257 -7.75 20.01 -12.37
CA LEU A 257 -6.95 19.68 -11.20
C LEU A 257 -6.96 20.77 -10.15
N LYS A 258 -7.87 21.75 -10.24
CA LYS A 258 -7.90 22.83 -9.27
C LYS A 258 -8.02 22.27 -7.85
N LYS A 259 -7.23 22.84 -6.94
CA LYS A 259 -7.25 22.37 -5.55
C LYS A 259 -8.63 22.55 -4.94
N LYS A 260 -9.17 23.76 -5.01
CA LYS A 260 -10.53 24.01 -4.55
C LYS A 260 -11.51 23.41 -5.53
N ARG A 261 -12.31 22.43 -5.07
CA ARG A 261 -13.16 21.67 -5.99
C ARG A 261 -14.19 22.56 -6.67
N ASP A 262 -14.59 23.66 -6.03
CA ASP A 262 -15.64 24.51 -6.60
C ASP A 262 -15.21 25.17 -7.90
N GLU A 263 -13.91 25.20 -8.21
CA GLU A 263 -13.42 25.80 -9.43
C GLU A 263 -13.29 24.81 -10.58
N ARG A 264 -13.43 23.51 -10.31
CA ARG A 264 -13.32 22.53 -11.38
C ARG A 264 -14.57 22.52 -12.24
N PRO A 265 -14.44 22.37 -13.54
CA PRO A 265 -15.62 22.33 -14.41
C PRO A 265 -16.33 20.99 -14.33
N LEU A 266 -17.57 20.98 -14.80
CA LEU A 266 -18.33 19.76 -14.93
C LEU A 266 -18.09 19.14 -16.29
N PHE A 267 -18.58 17.92 -16.48
CA PHE A 267 -18.22 17.15 -17.66
C PHE A 267 -18.86 17.66 -18.95
N PRO A 268 -20.07 18.23 -18.91
CA PRO A 268 -20.60 18.86 -20.13
C PRO A 268 -19.63 19.87 -20.73
N GLN A 269 -19.07 20.75 -19.91
CA GLN A 269 -18.09 21.71 -20.41
C GLN A 269 -16.79 21.01 -20.82
N ILE A 270 -16.34 20.04 -20.01
CA ILE A 270 -15.11 19.32 -20.33
C ILE A 270 -15.26 18.60 -21.67
N LEU A 271 -16.37 17.87 -21.84
CA LEU A 271 -16.58 17.14 -23.09
C LEU A 271 -16.63 18.09 -24.29
N ALA A 272 -17.14 19.30 -24.10
CA ALA A 272 -17.19 20.27 -25.19
C ALA A 272 -15.79 20.76 -25.54
N SER A 273 -14.98 21.08 -24.52
CA SER A 273 -13.63 21.57 -24.78
C SER A 273 -12.80 20.53 -25.52
N ILE A 274 -12.94 19.26 -25.16
CA ILE A 274 -12.17 18.19 -25.81
C ILE A 274 -12.58 18.07 -27.28
N GLU A 275 -13.88 18.12 -27.56
CA GLU A 275 -14.35 18.00 -28.93
C GLU A 275 -13.94 19.22 -29.76
N LEU A 276 -13.98 20.41 -29.16
CA LEU A 276 -13.58 21.61 -29.88
C LEU A 276 -12.12 21.53 -30.31
N LEU A 277 -11.23 21.19 -29.39
CA LEU A 277 -9.82 21.08 -29.71
C LEU A 277 -9.50 19.85 -30.54
N ALA A 278 -10.42 18.88 -30.64
CA ALA A 278 -10.23 17.76 -31.55
C ALA A 278 -10.52 18.16 -32.99
N ARG A 279 -11.45 19.10 -33.19
CA ARG A 279 -11.71 19.62 -34.53
C ARG A 279 -10.54 20.46 -35.03
N SER A 280 -10.11 21.44 -34.22
CA SER A 280 -9.01 22.33 -34.58
C SER A 280 -7.67 21.61 -34.40
N LEU A 281 -7.50 20.54 -35.15
CA LEU A 281 -6.29 19.73 -35.06
C LEU A 281 -5.76 19.39 -36.46
N ASP B 47 30.20 -12.04 18.51
CA ASP B 47 30.97 -12.94 19.35
C ASP B 47 31.29 -14.25 18.62
N GLU B 48 31.14 -15.37 19.32
CA GLU B 48 31.45 -16.68 18.77
C GLU B 48 30.22 -17.41 18.26
N GLN B 49 29.15 -17.47 19.07
CA GLN B 49 27.93 -18.13 18.62
C GLN B 49 27.35 -17.42 17.41
N GLN B 50 27.46 -16.09 17.36
CA GLN B 50 27.00 -15.35 16.19
C GLN B 50 27.84 -15.68 14.96
N ARG B 51 29.16 -15.79 15.15
CA ARG B 51 30.04 -16.14 14.03
C ARG B 51 29.73 -17.55 13.54
N LYS B 52 29.49 -18.48 14.46
CA LYS B 52 29.07 -19.83 14.06
C LYS B 52 27.84 -19.79 13.16
N ARG B 53 26.79 -19.09 13.61
CA ARG B 53 25.54 -19.09 12.86
C ARG B 53 25.68 -18.38 11.53
N LEU B 54 26.48 -17.31 11.48
CA LEU B 54 26.69 -16.59 10.23
C LEU B 54 27.40 -17.48 9.21
N GLU B 55 28.50 -18.12 9.62
CA GLU B 55 29.21 -19.01 8.72
C GLU B 55 28.36 -20.22 8.34
N ALA B 56 27.45 -20.65 9.23
CA ALA B 56 26.58 -21.76 8.90
C ALA B 56 25.55 -21.38 7.86
N PHE B 57 25.04 -20.15 7.92
CA PHE B 57 24.07 -19.70 6.93
C PHE B 57 24.71 -19.61 5.55
N LEU B 58 25.91 -19.04 5.46
CA LEU B 58 26.61 -19.00 4.18
C LEU B 58 26.81 -20.41 3.62
N THR B 59 27.13 -21.37 4.48
CA THR B 59 27.28 -22.75 4.02
C THR B 59 26.00 -23.27 3.39
N GLN B 60 24.88 -23.14 4.10
CA GLN B 60 23.60 -23.57 3.55
C GLN B 60 23.21 -22.75 2.32
N LYS B 61 23.65 -21.50 2.25
CA LYS B 61 23.32 -20.66 1.09
C LYS B 61 24.07 -21.11 -0.16
N GLN B 62 25.28 -21.65 0.00
CA GLN B 62 26.03 -22.12 -1.17
C GLN B 62 25.40 -23.36 -1.78
N LYS B 63 24.68 -24.15 -0.99
CA LYS B 63 23.98 -25.32 -1.52
C LYS B 63 22.82 -24.95 -2.42
N VAL B 64 22.44 -23.67 -2.47
CA VAL B 64 21.34 -23.19 -3.30
C VAL B 64 21.92 -22.57 -4.55
N GLY B 65 21.62 -23.14 -5.70
CA GLY B 65 22.04 -22.59 -6.97
C GLY B 65 21.01 -21.65 -7.57
N GLU B 66 20.78 -21.76 -8.88
CA GLU B 66 19.75 -20.95 -9.51
C GLU B 66 18.39 -21.26 -8.89
N LEU B 67 17.64 -20.20 -8.58
CA LEU B 67 16.33 -20.34 -7.94
C LEU B 67 15.25 -20.30 -9.01
N LYS B 68 14.56 -21.42 -9.19
CA LYS B 68 13.48 -21.55 -10.15
C LYS B 68 12.16 -21.74 -9.41
N ASP B 69 11.07 -21.34 -10.07
CA ASP B 69 9.76 -21.46 -9.44
C ASP B 69 9.37 -22.92 -9.23
N ASP B 70 9.89 -23.82 -10.04
CA ASP B 70 9.53 -25.23 -9.90
C ASP B 70 10.23 -25.87 -8.70
N ASP B 71 11.40 -25.37 -8.32
CA ASP B 71 12.16 -25.97 -7.22
C ASP B 71 11.52 -25.74 -5.86
N PHE B 72 10.43 -25.00 -5.77
CA PHE B 72 9.79 -24.68 -4.50
C PHE B 72 8.50 -25.48 -4.34
N GLU B 73 8.27 -25.97 -3.11
CA GLU B 73 7.02 -26.62 -2.75
C GLU B 73 6.39 -25.84 -1.61
N LYS B 74 5.15 -25.40 -1.80
CA LYS B 74 4.50 -24.50 -0.85
C LYS B 74 4.07 -25.27 0.39
N ILE B 75 4.46 -24.78 1.56
CA ILE B 75 4.15 -25.42 2.83
C ILE B 75 2.91 -24.76 3.44
N SER B 76 3.09 -23.56 3.98
CA SER B 76 2.01 -22.85 4.64
C SER B 76 2.17 -21.35 4.41
N GLU B 77 1.06 -20.64 4.50
CA GLU B 77 1.09 -19.18 4.39
C GLU B 77 1.54 -18.57 5.70
N LEU B 78 2.39 -17.55 5.61
CA LEU B 78 2.92 -16.87 6.78
C LEU B 78 2.25 -15.53 7.04
N GLY B 79 1.92 -14.79 6.00
CA GLY B 79 1.29 -13.49 6.18
C GLY B 79 1.11 -12.80 4.85
N ALA B 80 0.60 -11.57 4.93
CA ALA B 80 0.38 -10.75 3.75
C ALA B 80 0.13 -9.32 4.21
N GLY B 81 0.09 -8.41 3.24
CA GLY B 81 -0.13 -7.01 3.52
C GLY B 81 0.04 -6.14 2.29
N ASN B 82 -0.46 -4.90 2.36
CA ASN B 82 -0.38 -3.96 1.25
C ASN B 82 1.03 -3.95 0.65
N GLY B 83 1.29 -4.88 -0.27
CA GLY B 83 2.59 -5.00 -0.90
C GLY B 83 2.79 -6.36 -1.54
N GLY B 84 2.54 -7.42 -0.78
CA GLY B 84 2.69 -8.77 -1.29
C GLY B 84 2.14 -9.84 -0.36
N VAL B 85 2.69 -11.05 -0.48
CA VAL B 85 2.29 -12.16 0.36
C VAL B 85 3.50 -13.06 0.55
N VAL B 86 3.58 -13.69 1.73
CA VAL B 86 4.74 -14.48 2.12
C VAL B 86 4.29 -15.89 2.45
N PHE B 87 4.94 -16.88 1.85
CA PHE B 87 4.69 -18.28 2.10
C PHE B 87 5.93 -18.93 2.70
N LYS B 88 5.70 -19.94 3.55
CA LYS B 88 6.78 -20.83 3.95
C LYS B 88 6.92 -21.93 2.90
N VAL B 89 8.13 -22.10 2.37
CA VAL B 89 8.36 -23.00 1.25
C VAL B 89 9.58 -23.87 1.56
N SER B 90 9.73 -24.93 0.77
CA SER B 90 10.85 -25.84 0.87
C SER B 90 11.53 -25.91 -0.50
N HIS B 91 12.82 -25.59 -0.53
CA HIS B 91 13.61 -25.64 -1.75
C HIS B 91 13.99 -27.09 -2.01
N LYS B 92 13.29 -27.73 -2.93
CA LYS B 92 13.50 -29.16 -3.16
C LYS B 92 14.95 -29.52 -3.51
N PRO B 93 15.65 -28.76 -4.35
CA PRO B 93 17.04 -29.13 -4.67
C PRO B 93 17.98 -29.14 -3.46
N SER B 94 17.57 -28.57 -2.33
CA SER B 94 18.42 -28.54 -1.14
C SER B 94 17.69 -28.79 0.17
N GLY B 95 16.36 -29.02 0.14
CA GLY B 95 15.63 -29.33 1.35
C GLY B 95 15.53 -28.17 2.31
N LEU B 96 16.16 -27.05 2.01
CA LEU B 96 16.12 -25.91 2.89
C LEU B 96 14.72 -25.32 2.94
N VAL B 97 14.29 -24.92 4.13
CA VAL B 97 13.01 -24.26 4.34
C VAL B 97 13.26 -22.76 4.35
N MET B 98 12.56 -22.03 3.47
CA MET B 98 12.75 -20.60 3.32
C MET B 98 11.41 -19.89 3.37
N ALA B 99 11.46 -18.58 3.60
CA ALA B 99 10.31 -17.70 3.47
C ALA B 99 10.39 -16.98 2.14
N ARG B 100 9.32 -17.08 1.35
CA ARG B 100 9.30 -16.54 -0.02
C ARG B 100 8.21 -15.47 -0.11
N LYS B 101 8.64 -14.20 -0.22
CA LYS B 101 7.72 -13.10 -0.41
C LYS B 101 7.46 -12.90 -1.90
N LEU B 102 6.19 -12.68 -2.25
CA LEU B 102 5.76 -12.53 -3.64
C LEU B 102 5.16 -11.14 -3.81
N ILE B 103 5.90 -10.26 -4.48
CA ILE B 103 5.42 -8.91 -4.79
C ILE B 103 4.85 -8.92 -6.20
N HIS B 104 3.58 -8.56 -6.34
CA HIS B 104 2.94 -8.45 -7.64
C HIS B 104 2.86 -6.97 -7.98
N LEU B 105 3.74 -6.52 -8.87
CA LEU B 105 3.77 -5.14 -9.34
C LEU B 105 3.44 -5.11 -10.82
N GLU B 106 2.55 -4.19 -11.21
CA GLU B 106 2.24 -3.96 -12.62
C GLU B 106 3.13 -2.82 -13.13
N ILE B 107 4.36 -3.18 -13.45
CA ILE B 107 5.37 -2.22 -13.88
C ILE B 107 5.92 -2.65 -15.24
N LYS B 108 6.42 -1.68 -15.98
CA LYS B 108 7.06 -1.98 -17.25
C LYS B 108 8.24 -2.92 -17.04
N PRO B 109 8.51 -3.85 -17.96
CA PRO B 109 9.58 -4.82 -17.72
C PRO B 109 10.94 -4.18 -17.45
N ALA B 110 11.28 -3.10 -18.17
CA ALA B 110 12.57 -2.46 -17.97
C ALA B 110 12.79 -2.08 -16.51
N ILE B 111 11.76 -1.55 -15.85
CA ILE B 111 11.88 -1.21 -14.45
C ILE B 111 11.96 -2.46 -13.59
N ARG B 112 11.17 -3.48 -13.93
CA ARG B 112 11.19 -4.72 -13.16
C ARG B 112 12.57 -5.37 -13.20
N ASN B 113 13.21 -5.38 -14.38
CA ASN B 113 14.55 -5.97 -14.48
C ASN B 113 15.55 -5.22 -13.61
N GLN B 114 15.41 -3.89 -13.54
CA GLN B 114 16.29 -3.11 -12.68
C GLN B 114 16.05 -3.43 -11.22
N ILE B 115 14.80 -3.70 -10.84
CA ILE B 115 14.50 -4.07 -9.46
C ILE B 115 15.21 -5.37 -9.09
N ILE B 116 15.09 -6.38 -9.95
CA ILE B 116 15.77 -7.65 -9.69
C ILE B 116 17.27 -7.42 -9.55
N ARG B 117 17.86 -6.66 -10.48
CA ARG B 117 19.29 -6.38 -10.42
C ARG B 117 19.65 -5.68 -9.11
N GLU B 118 18.89 -4.65 -8.74
CA GLU B 118 19.17 -3.92 -7.51
C GLU B 118 19.02 -4.82 -6.28
N LEU B 119 18.10 -5.79 -6.32
CA LEU B 119 17.87 -6.65 -5.17
C LEU B 119 19.07 -7.54 -4.86
N GLN B 120 19.97 -7.75 -5.83
CA GLN B 120 21.12 -8.63 -5.60
C GLN B 120 22.10 -8.05 -4.59
N VAL B 121 21.93 -6.79 -4.18
CA VAL B 121 22.76 -6.25 -3.11
C VAL B 121 22.55 -7.01 -1.82
N LEU B 122 21.37 -7.62 -1.65
CA LEU B 122 21.05 -8.32 -0.42
C LEU B 122 22.00 -9.49 -0.14
N HIS B 123 22.71 -9.97 -1.16
CA HIS B 123 23.73 -10.99 -0.93
C HIS B 123 24.87 -10.47 -0.06
N GLU B 124 25.10 -9.16 -0.06
CA GLU B 124 26.18 -8.57 0.73
C GLU B 124 25.78 -8.30 2.18
N CYS B 125 24.49 -8.34 2.50
CA CYS B 125 24.00 -8.06 3.85
C CYS B 125 24.06 -9.36 4.65
N ASN B 126 25.14 -9.53 5.41
CA ASN B 126 25.35 -10.71 6.25
C ASN B 126 25.66 -10.24 7.66
N SER B 127 24.61 -10.07 8.46
CA SER B 127 24.72 -9.64 9.85
C SER B 127 23.73 -10.41 10.69
N PRO B 128 24.04 -10.66 11.96
CA PRO B 128 23.08 -11.35 12.85
C PRO B 128 21.85 -10.53 13.15
N TYR B 129 21.78 -9.28 12.71
CA TYR B 129 20.62 -8.42 12.90
C TYR B 129 19.87 -8.17 11.60
N ILE B 130 20.26 -8.83 10.52
CA ILE B 130 19.58 -8.72 9.23
C ILE B 130 19.14 -10.12 8.82
N VAL B 131 17.87 -10.25 8.42
CA VAL B 131 17.35 -11.54 8.00
C VAL B 131 18.18 -12.08 6.84
N GLY B 132 18.50 -13.36 6.89
CA GLY B 132 19.32 -13.96 5.84
C GLY B 132 18.62 -13.92 4.51
N PHE B 133 19.40 -13.65 3.46
CA PHE B 133 18.89 -13.54 2.10
C PHE B 133 19.43 -14.68 1.25
N TYR B 134 18.54 -15.39 0.57
CA TYR B 134 18.91 -16.52 -0.29
C TYR B 134 18.96 -16.15 -1.76
N GLY B 135 18.00 -15.37 -2.25
CA GLY B 135 17.98 -14.97 -3.64
C GLY B 135 16.65 -14.41 -4.09
N ALA B 136 16.70 -13.47 -5.04
CA ALA B 136 15.50 -12.86 -5.60
C ALA B 136 15.46 -13.11 -7.10
N PHE B 137 14.26 -13.39 -7.61
CA PHE B 137 14.07 -13.65 -9.03
C PHE B 137 12.68 -13.20 -9.44
N TYR B 138 12.32 -13.44 -10.70
CA TYR B 138 11.05 -13.03 -11.25
C TYR B 138 10.46 -14.17 -12.07
N SER B 139 9.20 -14.49 -11.81
CA SER B 139 8.51 -15.54 -12.55
C SER B 139 7.00 -15.36 -12.41
N ASP B 140 6.27 -15.66 -13.46
CA ASP B 140 4.82 -15.60 -13.46
C ASP B 140 4.31 -14.24 -12.98
N GLY B 141 4.99 -13.18 -13.42
CA GLY B 141 4.55 -11.83 -13.15
C GLY B 141 4.68 -11.35 -11.72
N GLU B 142 5.45 -12.05 -10.88
CA GLU B 142 5.63 -11.66 -9.49
C GLU B 142 7.11 -11.74 -9.13
N ILE B 143 7.60 -10.70 -8.45
CA ILE B 143 8.97 -10.70 -7.94
C ILE B 143 8.99 -11.52 -6.65
N SER B 144 9.76 -12.62 -6.67
CA SER B 144 9.90 -13.48 -5.52
C SER B 144 11.24 -13.19 -4.85
N ILE B 145 11.22 -12.96 -3.54
CA ILE B 145 12.43 -12.75 -2.75
C ILE B 145 12.43 -13.79 -1.65
N CYS B 146 13.40 -14.69 -1.70
CA CYS B 146 13.49 -15.80 -0.76
C CYS B 146 14.48 -15.46 0.35
N MET B 147 14.02 -15.56 1.60
CA MET B 147 14.82 -15.22 2.77
C MET B 147 14.71 -16.35 3.78
N GLU B 148 15.49 -16.25 4.85
CA GLU B 148 15.48 -17.29 5.88
C GLU B 148 14.17 -17.25 6.66
N HIS B 149 13.68 -18.42 7.03
CA HIS B 149 12.43 -18.53 7.78
C HIS B 149 12.67 -18.19 9.25
N MET B 150 11.91 -17.23 9.76
CA MET B 150 11.96 -16.87 11.18
C MET B 150 10.71 -17.44 11.83
N ASP B 151 10.88 -18.53 12.59
CA ASP B 151 9.74 -19.24 13.17
C ASP B 151 9.03 -18.44 14.26
N GLY B 152 9.54 -17.28 14.64
CA GLY B 152 8.88 -16.46 15.62
C GLY B 152 7.88 -15.51 14.99
N GLY B 153 8.12 -15.12 13.75
CA GLY B 153 7.26 -14.17 13.06
C GLY B 153 7.73 -12.75 13.26
N SER B 154 6.86 -11.82 12.86
CA SER B 154 7.12 -10.40 13.02
C SER B 154 6.61 -9.94 14.39
N LEU B 155 7.29 -8.93 14.95
CA LEU B 155 6.87 -8.40 16.23
C LEU B 155 5.45 -7.85 16.20
N ASP B 156 4.89 -7.64 15.00
CA ASP B 156 3.47 -7.28 14.90
C ASP B 156 2.60 -8.44 15.36
N GLN B 157 2.85 -9.64 14.84
CA GLN B 157 2.09 -10.81 15.27
C GLN B 157 2.35 -11.12 16.74
N VAL B 158 3.60 -11.06 17.17
CA VAL B 158 3.93 -11.32 18.57
C VAL B 158 3.18 -10.36 19.48
N LEU B 159 3.03 -9.10 19.05
CA LEU B 159 2.32 -8.12 19.86
C LEU B 159 0.87 -8.53 20.09
N LYS B 160 0.19 -8.97 19.02
CA LYS B 160 -1.19 -9.42 19.17
C LYS B 160 -1.28 -10.62 20.11
N LYS B 161 -0.37 -11.57 19.97
CA LYS B 161 -0.39 -12.74 20.85
C LYS B 161 -0.10 -12.37 22.30
N ALA B 162 0.61 -11.26 22.52
CA ALA B 162 1.01 -10.87 23.86
C ALA B 162 0.24 -9.69 24.41
N GLY B 163 -0.46 -8.93 23.57
CA GLY B 163 -1.15 -7.74 24.04
C GLY B 163 -0.20 -6.58 24.26
N ARG B 164 0.65 -6.70 25.27
CA ARG B 164 1.75 -5.77 25.49
C ARG B 164 3.04 -6.57 25.62
N ILE B 165 4.16 -5.92 25.36
CA ILE B 165 5.49 -6.52 25.45
C ILE B 165 6.22 -5.86 26.61
N PRO B 166 6.84 -6.64 27.51
CA PRO B 166 7.48 -6.04 28.68
C PRO B 166 8.64 -5.14 28.30
N GLU B 167 8.89 -4.14 29.16
CA GLU B 167 10.01 -3.24 28.95
C GLU B 167 11.33 -4.01 28.88
N GLN B 168 11.49 -5.02 29.74
CA GLN B 168 12.72 -5.82 29.72
C GLN B 168 12.97 -6.40 28.34
N ILE B 169 11.90 -6.82 27.64
CA ILE B 169 12.05 -7.43 26.33
C ILE B 169 12.31 -6.36 25.28
N LEU B 170 11.58 -5.24 25.33
CA LEU B 170 11.77 -4.18 24.36
C LEU B 170 13.19 -3.63 24.42
N GLY B 171 13.85 -3.73 25.58
CA GLY B 171 15.25 -3.34 25.66
C GLY B 171 16.11 -4.16 24.72
N LYS B 172 15.96 -5.48 24.77
CA LYS B 172 16.69 -6.34 23.84
C LYS B 172 16.30 -6.03 22.40
N VAL B 173 15.01 -5.82 22.13
CA VAL B 173 14.57 -5.49 20.78
C VAL B 173 15.21 -4.18 20.32
N SER B 174 15.26 -3.19 21.22
CA SER B 174 15.87 -1.91 20.85
C SER B 174 17.33 -2.09 20.49
N ILE B 175 18.07 -2.89 21.27
CA ILE B 175 19.47 -3.13 20.96
C ILE B 175 19.62 -3.74 19.57
N ALA B 176 18.79 -4.74 19.26
CA ALA B 176 18.86 -5.38 17.95
C ALA B 176 18.57 -4.38 16.83
N VAL B 177 17.48 -3.62 16.97
CA VAL B 177 17.13 -2.65 15.93
C VAL B 177 18.24 -1.60 15.78
N ILE B 178 18.79 -1.14 16.90
CA ILE B 178 19.86 -0.14 16.84
C ILE B 178 21.06 -0.70 16.11
N LYS B 179 21.44 -1.94 16.41
CA LYS B 179 22.59 -2.54 15.75
C LYS B 179 22.29 -2.84 14.29
N GLY B 180 21.06 -3.28 14.00
CA GLY B 180 20.71 -3.53 12.60
C GLY B 180 20.79 -2.27 11.75
N LEU B 181 20.19 -1.18 12.23
CA LEU B 181 20.30 0.08 11.51
C LEU B 181 21.75 0.51 11.38
N THR B 182 22.56 0.25 12.41
CA THR B 182 23.97 0.62 12.36
C THR B 182 24.70 -0.17 11.27
N TYR B 183 24.48 -1.48 11.22
CA TYR B 183 25.13 -2.29 10.19
C TYR B 183 24.75 -1.81 8.80
N LEU B 184 23.49 -1.40 8.60
CA LEU B 184 23.07 -0.91 7.30
C LEU B 184 23.66 0.47 6.99
N ARG B 185 23.81 1.31 8.02
CA ARG B 185 24.32 2.66 7.79
C ARG B 185 25.80 2.65 7.47
N GLU B 186 26.59 1.84 8.19
CA GLU B 186 28.04 1.86 8.04
C GLU B 186 28.52 0.93 6.93
N LYS B 187 28.14 -0.34 6.98
CA LYS B 187 28.69 -1.32 6.05
C LYS B 187 28.10 -1.20 4.66
N HIS B 188 26.97 -0.52 4.49
CA HIS B 188 26.34 -0.44 3.18
C HIS B 188 25.79 0.94 2.84
N LYS B 189 25.84 1.91 3.77
CA LYS B 189 25.34 3.25 3.52
C LYS B 189 23.88 3.26 3.07
N ILE B 190 23.16 2.19 3.38
CA ILE B 190 21.74 2.09 3.08
C ILE B 190 20.96 2.24 4.38
N MET B 191 19.72 2.74 4.26
CA MET B 191 18.88 3.00 5.42
C MET B 191 17.53 2.33 5.23
N HIS B 192 16.96 1.89 6.36
CA HIS B 192 15.78 1.02 6.33
C HIS B 192 14.63 1.67 5.58
N ARG B 193 14.15 2.81 6.07
CA ARG B 193 13.06 3.57 5.47
C ARG B 193 11.70 2.94 5.67
N ASP B 194 11.61 1.85 6.45
CA ASP B 194 10.33 1.24 6.74
C ASP B 194 10.41 0.41 8.02
N VAL B 195 10.82 1.03 9.12
CA VAL B 195 10.95 0.35 10.40
C VAL B 195 9.60 0.36 11.11
N LYS B 196 9.12 -0.82 11.45
CA LYS B 196 7.86 -0.98 12.18
C LYS B 196 7.80 -2.39 12.73
N PRO B 197 6.84 -2.68 13.61
CA PRO B 197 6.78 -4.03 14.21
C PRO B 197 6.69 -5.14 13.18
N SER B 198 6.00 -4.90 12.06
CA SER B 198 5.85 -5.93 11.04
C SER B 198 7.17 -6.27 10.35
N ASN B 199 8.19 -5.43 10.48
CA ASN B 199 9.46 -5.65 9.83
C ASN B 199 10.57 -6.08 10.80
N ILE B 200 10.27 -6.25 12.07
CA ILE B 200 11.20 -6.80 13.04
C ILE B 200 10.84 -8.27 13.23
N LEU B 201 11.73 -9.16 12.81
CA LEU B 201 11.49 -10.60 12.88
C LEU B 201 12.25 -11.22 14.04
N VAL B 202 11.72 -12.34 14.53
CA VAL B 202 12.28 -13.06 15.67
C VAL B 202 12.11 -14.55 15.43
N ASN B 203 12.89 -15.34 16.16
CA ASN B 203 12.88 -16.79 16.01
C ASN B 203 13.08 -17.44 17.38
N SER B 204 12.87 -18.77 17.42
CA SER B 204 12.96 -19.50 18.67
C SER B 204 14.36 -19.45 19.26
N ARG B 205 15.38 -19.29 18.42
CA ARG B 205 16.76 -19.20 18.91
C ARG B 205 17.06 -17.86 19.57
N GLY B 206 16.05 -17.03 19.80
CA GLY B 206 16.23 -15.78 20.50
C GLY B 206 16.72 -14.63 19.66
N GLU B 207 16.84 -14.80 18.35
CA GLU B 207 17.38 -13.75 17.50
C GLU B 207 16.33 -12.68 17.21
N ILE B 208 16.80 -11.47 16.95
CA ILE B 208 15.96 -10.36 16.53
C ILE B 208 16.64 -9.71 15.33
N LYS B 209 15.98 -9.78 14.16
CA LYS B 209 16.59 -9.34 12.92
C LYS B 209 15.68 -8.34 12.22
N LEU B 210 16.30 -7.46 11.44
CA LEU B 210 15.57 -6.50 10.62
C LEU B 210 15.23 -7.11 9.26
N CYS B 211 14.21 -6.54 8.63
CA CYS B 211 13.70 -7.11 7.39
C CYS B 211 12.94 -6.03 6.62
N ASP B 212 12.73 -6.30 5.33
CA ASP B 212 11.97 -5.40 4.45
C ASP B 212 12.55 -3.99 4.44
N PHE B 213 13.87 -3.88 4.52
CA PHE B 213 14.53 -2.59 4.49
C PHE B 213 14.85 -2.17 3.07
N GLY B 214 14.79 -0.86 2.83
CA GLY B 214 14.92 -0.30 1.50
C GLY B 214 16.28 -0.45 0.85
N VAL B 215 16.38 -1.31 -0.16
CA VAL B 215 17.63 -1.50 -0.88
C VAL B 215 17.48 -1.27 -2.39
N SER B 216 16.28 -1.34 -2.94
CA SER B 216 16.06 -1.16 -4.37
C SER B 216 15.29 0.14 -4.59
N GLY B 217 15.97 1.14 -5.17
CA GLY B 217 15.31 2.40 -5.42
C GLY B 217 14.08 2.27 -6.31
N GLN B 218 14.22 1.53 -7.40
CA GLN B 218 13.10 1.36 -8.33
C GLN B 218 11.93 0.67 -7.65
N LEU B 219 12.20 -0.31 -6.79
CA LEU B 219 11.13 -0.98 -6.06
C LEU B 219 10.35 0.01 -5.21
N ILE B 220 11.02 1.01 -4.64
CA ILE B 220 10.34 2.01 -3.84
C ILE B 220 9.43 2.87 -4.71
N ASP B 221 9.93 3.29 -5.88
CA ASP B 221 9.13 4.10 -6.78
C ASP B 221 7.87 3.35 -7.23
N ALA B 222 8.03 2.10 -7.65
CA ALA B 222 6.87 1.31 -8.04
C ALA B 222 5.89 1.15 -6.89
N MET B 223 6.41 0.97 -5.67
CA MET B 223 5.53 0.85 -4.51
C MET B 223 4.75 2.12 -4.26
N ALA B 224 5.30 3.28 -4.66
CA ALA B 224 4.67 4.56 -4.35
C ALA B 224 3.25 4.64 -4.90
N ASN B 225 2.95 3.88 -5.96
CA ASN B 225 1.59 3.82 -6.50
C ASN B 225 0.88 2.63 -5.87
N ALA B 226 0.41 2.83 -4.64
CA ALA B 226 -0.33 1.82 -3.90
C ALA B 226 -1.52 2.47 -3.23
N PHE B 227 -2.46 1.62 -2.79
CA PHE B 227 -3.62 2.11 -2.07
C PHE B 227 -3.20 2.65 -0.72
N VAL B 228 -3.98 3.61 -0.20
CA VAL B 228 -3.67 4.19 1.09
C VAL B 228 -3.77 3.14 2.18
N GLY B 229 -2.84 3.20 3.14
CA GLY B 229 -2.89 2.33 4.30
C GLY B 229 -3.83 2.88 5.36
N THR B 230 -3.71 2.31 6.56
CA THR B 230 -4.52 2.73 7.69
C THR B 230 -3.74 3.47 8.75
N ARG B 231 -2.43 3.27 8.83
CA ARG B 231 -1.59 4.00 9.79
C ARG B 231 -0.19 4.11 9.21
N SER B 232 0.56 5.09 9.71
CA SER B 232 1.88 5.40 9.20
C SER B 232 2.86 5.58 10.34
N TYR B 233 4.04 4.97 10.22
CA TYR B 233 5.16 5.20 11.12
C TYR B 233 6.15 6.20 10.54
N MET B 234 5.76 6.94 9.50
CA MET B 234 6.65 7.87 8.85
C MET B 234 6.97 9.04 9.76
N SER B 235 8.23 9.47 9.76
CA SER B 235 8.64 10.61 10.55
C SER B 235 8.10 11.90 9.94
N PRO B 236 7.98 12.96 10.75
CA PRO B 236 7.36 14.20 10.23
C PRO B 236 8.15 14.84 9.11
N GLU B 237 9.49 14.78 9.16
CA GLU B 237 10.28 15.38 8.09
C GLU B 237 10.10 14.63 6.77
N ARG B 238 9.89 13.32 6.84
CA ARG B 238 9.62 12.56 5.62
C ARG B 238 8.24 12.87 5.07
N LEU B 239 7.27 13.16 5.95
CA LEU B 239 5.93 13.51 5.47
C LEU B 239 5.94 14.86 4.78
N GLN B 240 6.77 15.78 5.23
CA GLN B 240 6.87 17.10 4.63
C GLN B 240 8.06 17.24 3.68
N GLY B 241 9.02 16.34 3.75
CA GLY B 241 10.20 16.44 2.91
C GLY B 241 10.78 15.09 2.51
N THR B 242 12.07 14.90 2.75
CA THR B 242 12.77 13.68 2.38
C THR B 242 13.54 13.14 3.58
N HIS B 243 14.08 11.94 3.41
CA HIS B 243 14.84 11.26 4.45
C HIS B 243 15.91 12.18 5.01
N TYR B 244 16.08 12.16 6.33
CA TYR B 244 17.12 12.96 6.99
C TYR B 244 18.08 12.03 7.71
N SER B 245 18.79 11.18 6.96
CA SER B 245 19.73 10.23 7.52
C SER B 245 19.02 9.23 8.44
N VAL B 246 19.80 8.48 9.22
CA VAL B 246 19.25 7.39 10.01
C VAL B 246 18.26 7.89 11.06
N GLN B 247 18.26 9.18 11.37
CA GLN B 247 17.36 9.70 12.39
C GLN B 247 15.90 9.42 12.05
N SER B 248 15.55 9.52 10.77
CA SER B 248 14.18 9.26 10.36
C SER B 248 13.77 7.82 10.68
N ASP B 249 14.71 6.88 10.58
CA ASP B 249 14.43 5.51 11.00
C ASP B 249 14.31 5.40 12.51
N ILE B 250 15.07 6.22 13.24
CA ILE B 250 15.01 6.18 14.70
C ILE B 250 13.63 6.61 15.20
N TRP B 251 13.02 7.58 14.52
CA TRP B 251 11.64 7.95 14.85
C TRP B 251 10.73 6.73 14.77
N SER B 252 10.75 6.04 13.63
CA SER B 252 9.89 4.88 13.45
C SER B 252 10.16 3.82 14.52
N MET B 253 11.43 3.58 14.83
CA MET B 253 11.76 2.64 15.91
C MET B 253 11.09 3.08 17.21
N GLY B 254 11.19 4.36 17.54
CA GLY B 254 10.55 4.85 18.76
C GLY B 254 9.05 4.65 18.74
N LEU B 255 8.40 5.04 17.64
CA LEU B 255 6.95 4.87 17.55
C LEU B 255 6.56 3.40 17.67
N SER B 256 7.35 2.51 17.06
CA SER B 256 7.07 1.08 17.18
C SER B 256 7.22 0.61 18.61
N LEU B 257 8.18 1.19 19.35
CA LEU B 257 8.37 0.82 20.74
C LEU B 257 7.19 1.24 21.59
N VAL B 258 6.70 2.46 21.40
CA VAL B 258 5.55 2.93 22.16
C VAL B 258 4.35 2.03 21.90
N GLU B 259 4.10 1.69 20.63
CA GLU B 259 2.98 0.81 20.30
C GLU B 259 3.13 -0.55 20.97
N MET B 260 4.30 -1.16 20.83
CA MET B 260 4.51 -2.49 21.41
C MET B 260 4.50 -2.45 22.94
N ALA B 261 4.91 -1.33 23.54
CA ALA B 261 4.91 -1.24 24.99
C ALA B 261 3.49 -1.16 25.55
N VAL B 262 2.63 -0.37 24.93
CA VAL B 262 1.26 -0.19 25.39
C VAL B 262 0.28 -1.13 24.70
N GLY B 263 0.67 -1.76 23.60
CA GLY B 263 -0.24 -2.64 22.88
C GLY B 263 -1.27 -1.93 22.05
N ARG B 264 -0.94 -0.75 21.51
CA ARG B 264 -1.91 0.04 20.77
C ARG B 264 -1.15 1.09 19.97
N TYR B 265 -1.52 1.25 18.70
CA TYR B 265 -0.93 2.29 17.87
C TYR B 265 -1.12 3.65 18.55
N PRO B 266 -0.05 4.38 18.84
CA PRO B 266 -0.15 5.55 19.73
C PRO B 266 -0.61 6.84 19.06
N ILE B 267 -1.10 6.80 17.83
CA ILE B 267 -1.59 8.01 17.18
C ILE B 267 -3.07 7.83 16.87
N PRO B 268 -3.98 8.56 17.55
CA PRO B 268 -3.64 9.51 18.61
C PRO B 268 -3.39 8.83 19.97
N PRO B 269 -2.87 9.58 20.93
CA PRO B 269 -2.59 9.02 22.25
C PRO B 269 -3.87 8.49 22.89
N PRO B 270 -3.75 7.53 23.81
CA PRO B 270 -4.94 6.92 24.41
C PRO B 270 -5.76 7.92 25.21
N ASP B 271 -6.98 7.52 25.52
CA ASP B 271 -7.87 8.35 26.31
C ASP B 271 -7.42 8.37 27.78
N ALA B 272 -8.02 9.28 28.55
CA ALA B 272 -7.67 9.41 29.96
C ALA B 272 -7.93 8.10 30.71
N LYS B 273 -9.11 7.52 30.54
CA LYS B 273 -9.44 6.27 31.21
C LYS B 273 -9.14 5.04 30.36
N GLU B 274 -8.83 5.21 29.07
CA GLU B 274 -8.29 4.11 28.30
C GLU B 274 -6.89 3.75 28.77
N LEU B 275 -6.19 4.71 29.36
CA LEU B 275 -4.82 4.47 29.80
C LEU B 275 -4.79 3.78 31.16
N GLU B 276 -5.61 4.25 32.09
CA GLU B 276 -5.78 3.54 33.35
C GLU B 276 -6.39 2.16 33.16
N LEU B 277 -6.87 1.85 31.95
CA LEU B 277 -7.43 0.56 31.60
C LEU B 277 -6.37 -0.42 31.11
N MET B 278 -5.11 -0.23 31.51
CA MET B 278 -4.05 -1.14 31.14
C MET B 278 -4.02 -2.35 32.06
N PRO B 311 -11.35 5.47 15.20
CA PRO B 311 -10.96 5.21 13.81
C PRO B 311 -10.52 6.47 13.09
N MET B 312 -9.34 6.98 13.41
CA MET B 312 -8.89 8.25 12.85
C MET B 312 -8.48 8.09 11.40
N ALA B 313 -8.83 9.09 10.59
CA ALA B 313 -8.52 9.05 9.17
C ALA B 313 -7.01 9.09 8.93
N ILE B 314 -6.58 8.48 7.83
CA ILE B 314 -5.15 8.41 7.53
C ILE B 314 -4.56 9.80 7.40
N PHE B 315 -5.27 10.71 6.74
CA PHE B 315 -4.76 12.07 6.58
C PHE B 315 -4.66 12.78 7.93
N GLU B 316 -5.62 12.53 8.82
CA GLU B 316 -5.57 13.15 10.14
C GLU B 316 -4.43 12.59 10.98
N LEU B 317 -4.08 11.32 10.76
CA LEU B 317 -2.89 10.76 11.43
C LEU B 317 -1.62 11.46 10.94
N LEU B 318 -1.46 11.55 9.62
CA LEU B 318 -0.28 12.22 9.07
C LEU B 318 -0.22 13.68 9.52
N ASP B 319 -1.38 14.34 9.59
CA ASP B 319 -1.41 15.72 10.07
C ASP B 319 -1.08 15.79 11.56
N TYR B 320 -1.54 14.81 12.34
CA TYR B 320 -1.23 14.79 13.77
C TYR B 320 0.26 14.58 14.00
N ILE B 321 0.89 13.75 13.17
CA ILE B 321 2.33 13.52 13.32
C ILE B 321 3.12 14.77 12.98
N VAL B 322 2.59 15.60 12.08
CA VAL B 322 3.33 16.77 11.63
C VAL B 322 3.10 17.98 12.53
N ASN B 323 1.86 18.21 12.99
CA ASN B 323 1.51 19.45 13.65
C ASN B 323 1.08 19.27 15.11
N GLU B 324 1.26 18.08 15.67
CA GLU B 324 0.88 17.83 17.05
C GLU B 324 2.07 17.27 17.82
N PRO B 325 2.09 17.46 19.13
CA PRO B 325 3.23 16.98 19.92
C PRO B 325 3.37 15.47 19.78
N PRO B 326 4.59 14.97 19.86
CA PRO B 326 4.82 13.53 19.65
C PRO B 326 4.27 12.71 20.80
N PRO B 327 4.00 11.43 20.58
CA PRO B 327 3.48 10.59 21.66
C PRO B 327 4.56 10.29 22.70
N LYS B 328 4.09 9.82 23.86
CA LYS B 328 4.97 9.48 24.97
C LYS B 328 4.39 8.29 25.72
N LEU B 329 5.19 7.76 26.64
CA LEU B 329 4.76 6.62 27.45
C LEU B 329 4.04 7.10 28.71
N PRO B 330 3.18 6.25 29.28
CA PRO B 330 2.58 6.60 30.57
C PRO B 330 3.66 6.79 31.63
N SER B 331 3.41 7.73 32.54
CA SER B 331 4.43 8.15 33.50
C SER B 331 4.67 7.15 34.61
N GLY B 332 3.72 6.26 34.88
CA GLY B 332 3.84 5.42 36.06
C GLY B 332 4.12 3.95 35.83
N VAL B 333 4.07 3.51 34.58
CA VAL B 333 4.18 2.08 34.28
C VAL B 333 5.59 1.71 33.88
N PHE B 334 6.28 2.62 33.18
CA PHE B 334 7.58 2.33 32.61
C PHE B 334 8.67 3.17 33.30
N SER B 335 9.86 2.60 33.38
CA SER B 335 10.97 3.27 34.04
C SER B 335 11.27 4.60 33.35
N LEU B 336 12.03 5.46 34.05
CA LEU B 336 12.36 6.76 33.49
C LEU B 336 13.37 6.64 32.36
N GLU B 337 14.32 5.72 32.48
CA GLU B 337 15.29 5.53 31.40
C GLU B 337 14.59 5.16 30.10
N PHE B 338 13.60 4.27 30.17
CA PHE B 338 12.86 3.89 28.96
C PHE B 338 12.07 5.06 28.42
N GLN B 339 11.34 5.78 29.29
CA GLN B 339 10.56 6.93 28.85
C GLN B 339 11.44 7.96 28.15
N ASP B 340 12.58 8.27 28.77
CA ASP B 340 13.51 9.22 28.14
C ASP B 340 14.08 8.68 26.85
N PHE B 341 14.25 7.35 26.76
CA PHE B 341 14.74 6.74 25.53
C PHE B 341 13.80 7.00 24.37
N VAL B 342 12.53 6.65 24.53
CA VAL B 342 11.56 6.87 23.46
C VAL B 342 11.36 8.36 23.21
N ASN B 343 11.46 9.18 24.26
CA ASN B 343 11.26 10.61 24.07
C ASN B 343 12.35 11.22 23.19
N LYS B 344 13.60 10.81 23.40
CA LYS B 344 14.68 11.26 22.52
C LYS B 344 14.55 10.68 21.12
N CYS B 345 13.83 9.57 20.96
CA CYS B 345 13.62 8.99 19.64
C CYS B 345 12.48 9.67 18.89
N LEU B 346 11.60 10.37 19.57
CA LEU B 346 10.40 10.92 18.96
C LEU B 346 10.42 12.45 18.90
N ILE B 347 11.60 13.07 19.06
CA ILE B 347 11.70 14.51 18.88
C ILE B 347 11.37 14.84 17.42
N LYS B 348 10.43 15.77 17.22
CA LYS B 348 9.92 16.03 15.88
C LYS B 348 10.99 16.63 14.97
N ASN B 349 11.89 17.45 15.51
CA ASN B 349 12.97 17.99 14.71
C ASN B 349 14.02 16.90 14.50
N PRO B 350 14.33 16.53 13.26
CA PRO B 350 15.23 15.38 13.05
C PRO B 350 16.65 15.63 13.53
N ALA B 351 17.10 16.88 13.60
CA ALA B 351 18.45 17.15 14.06
C ALA B 351 18.57 17.05 15.57
N GLU B 352 17.60 17.61 16.31
CA GLU B 352 17.60 17.45 17.75
C GLU B 352 17.39 16.00 18.17
N ARG B 353 16.68 15.24 17.35
CA ARG B 353 16.43 13.83 17.66
C ARG B 353 17.75 13.08 17.80
N ALA B 354 17.72 12.01 18.61
CA ALA B 354 18.92 11.26 18.91
C ALA B 354 19.33 10.38 17.73
N ASP B 355 20.64 10.29 17.49
CA ASP B 355 21.18 9.44 16.45
C ASP B 355 21.63 8.11 17.05
N LEU B 356 22.09 7.21 16.19
CA LEU B 356 22.47 5.87 16.63
C LEU B 356 23.57 5.93 17.69
N LYS B 357 24.51 6.85 17.51
CA LYS B 357 25.62 7.00 18.45
C LYS B 357 25.16 7.37 19.86
N GLN B 358 24.08 8.16 19.94
CA GLN B 358 23.55 8.58 21.23
C GLN B 358 22.74 7.47 21.90
N LEU B 359 21.90 6.81 21.11
CA LEU B 359 21.05 5.73 21.62
C LEU B 359 21.88 4.53 22.09
N MET B 360 23.00 4.26 21.41
CA MET B 360 23.80 3.10 21.77
C MET B 360 24.33 3.19 23.19
N VAL B 361 24.53 4.40 23.71
CA VAL B 361 25.09 4.58 25.04
C VAL B 361 24.07 5.27 25.94
N HIS B 362 22.79 5.12 25.63
CA HIS B 362 21.75 5.68 26.48
C HIS B 362 21.59 4.84 27.74
N ALA B 363 21.09 5.48 28.80
CA ALA B 363 20.93 4.78 30.07
C ALA B 363 20.09 3.52 29.91
N PHE B 364 19.00 3.61 29.13
CA PHE B 364 18.11 2.46 28.98
C PHE B 364 18.79 1.32 28.23
N ILE B 365 19.60 1.65 27.23
CA ILE B 365 20.29 0.59 26.47
C ILE B 365 21.44 0.01 27.29
N LYS B 366 22.20 0.86 27.99
CA LYS B 366 23.24 0.36 28.88
C LYS B 366 22.67 -0.65 29.88
N ARG B 367 21.56 -0.29 30.52
CA ARG B 367 20.95 -1.18 31.50
C ARG B 367 20.43 -2.45 30.83
N SER B 368 19.67 -2.30 29.75
CA SER B 368 19.07 -3.46 29.09
C SER B 368 20.10 -4.39 28.49
N ASP B 369 21.34 -3.91 28.28
CA ASP B 369 22.38 -4.79 27.75
C ASP B 369 22.99 -5.66 28.84
N ALA B 370 23.04 -5.17 30.08
CA ALA B 370 23.55 -5.96 31.19
C ALA B 370 22.54 -6.95 31.72
N GLU B 371 21.25 -6.72 31.50
CA GLU B 371 20.22 -7.63 31.98
C GLU B 371 20.28 -8.96 31.24
N GLU B 372 20.12 -10.04 32.00
CA GLU B 372 20.11 -11.39 31.44
C GLU B 372 18.65 -11.81 31.27
N VAL B 373 18.05 -11.42 30.15
CA VAL B 373 16.66 -11.71 29.85
C VAL B 373 16.60 -12.90 28.90
N ASP B 374 15.72 -13.85 29.20
CA ASP B 374 15.52 -15.03 28.37
C ASP B 374 14.48 -14.69 27.31
N PHE B 375 14.96 -14.17 26.17
CA PHE B 375 14.04 -13.75 25.12
C PHE B 375 13.42 -14.95 24.42
N ALA B 376 14.23 -15.95 24.08
CA ALA B 376 13.71 -17.12 23.39
C ALA B 376 12.61 -17.80 24.21
N GLY B 377 12.81 -17.92 25.52
CA GLY B 377 11.78 -18.52 26.35
C GLY B 377 10.52 -17.69 26.39
N TRP B 378 10.65 -16.37 26.49
CA TRP B 378 9.48 -15.50 26.48
C TRP B 378 8.71 -15.63 25.17
N LEU B 379 9.43 -15.64 24.05
CA LEU B 379 8.77 -15.74 22.75
C LEU B 379 7.99 -17.05 22.63
N CYS B 380 8.67 -18.18 22.87
CA CYS B 380 8.00 -19.47 22.74
C CYS B 380 6.83 -19.60 23.71
N SER B 381 6.89 -18.90 24.84
CA SER B 381 5.74 -18.89 25.75
C SER B 381 4.60 -18.05 25.19
N THR B 382 4.91 -16.86 24.67
CA THR B 382 3.89 -15.99 24.12
C THR B 382 3.17 -16.66 22.95
N ILE B 383 3.91 -17.36 22.10
CA ILE B 383 3.30 -18.01 20.94
C ILE B 383 2.59 -19.29 21.34
N GLY B 384 3.23 -20.10 22.18
CA GLY B 384 2.63 -21.36 22.62
C GLY B 384 3.53 -22.56 22.37
N LEU B 385 4.75 -22.30 21.92
CA LEU B 385 5.70 -23.38 21.68
C LEU B 385 6.40 -23.77 22.99
N ASN B 386 7.01 -24.95 22.96
CA ASN B 386 7.63 -25.51 24.16
C ASN B 386 8.97 -24.85 24.48
PG ANP C . -9.88 -0.78 -8.56
O1G ANP C . -10.35 -1.83 -7.60
O2G ANP C . -10.69 -0.91 -9.91
O3G ANP C . -10.12 0.66 -7.94
PB ANP C . -8.03 -2.19 -10.05
O1B ANP C . -8.98 -1.94 -11.19
O2B ANP C . -6.56 -2.15 -10.59
N3B ANP C . -8.23 -1.01 -8.88
PA ANP C . -9.54 -4.47 -9.95
O1A ANP C . -10.61 -3.62 -10.52
O2A ANP C . -9.99 -5.33 -8.76
O3A ANP C . -8.32 -3.59 -9.43
O5' ANP C . -8.94 -5.36 -11.11
C5' ANP C . -7.89 -6.31 -10.86
C4' ANP C . -7.43 -6.87 -12.19
O4' ANP C . -8.57 -7.36 -12.93
C3' ANP C . -6.73 -5.86 -13.11
O3' ANP C . -5.69 -6.50 -13.85
C2' ANP C . -7.86 -5.38 -14.00
O2' ANP C . -7.39 -4.93 -15.27
C1' ANP C . -8.69 -6.66 -14.15
N9 ANP C . -10.11 -6.42 -14.40
C8 ANP C . -10.99 -5.75 -13.61
N7 ANP C . -12.22 -5.70 -14.09
C5 ANP C . -12.12 -6.38 -15.28
C6 ANP C . -13.07 -6.70 -16.29
N6 ANP C . -14.36 -6.32 -16.23
N1 ANP C . -12.66 -7.40 -17.36
C2 ANP C . -11.37 -7.77 -17.42
N3 ANP C . -10.39 -7.54 -16.55
C4 ANP C . -10.83 -6.85 -15.50
MG MG D . -10.59 -1.97 -12.60
PG ANP E . 3.57 -3.96 4.74
O1G ANP E . 2.75 -2.69 4.75
O2G ANP E . 5.12 -3.61 4.70
O3G ANP E . 3.22 -4.81 3.46
PB ANP E . 3.85 -6.22 6.44
O1B ANP E . 5.31 -5.92 6.67
O2B ANP E . 3.12 -6.89 7.66
N3B ANP E . 3.06 -4.76 6.15
PA ANP E . 4.89 -8.00 4.53
O1A ANP E . 4.72 -7.96 3.04
O2A ANP E . 6.26 -7.46 4.99
O3A ANP E . 3.70 -7.15 5.19
O5' ANP E . 4.60 -9.49 5.10
C5' ANP E . 3.41 -9.83 5.87
C4' ANP E . 3.70 -10.81 7.00
O4' ANP E . 4.57 -11.83 6.50
C3' ANP E . 4.39 -10.25 8.24
O3' ANP E . 3.50 -9.74 9.24
C2' ANP E . 5.23 -11.43 8.75
O2' ANP E . 4.63 -12.09 9.84
C1' ANP E . 5.33 -12.38 7.55
N9 ANP E . 6.70 -12.58 7.07
C8 ANP E . 7.38 -11.85 6.12
N7 ANP E . 8.62 -12.23 5.92
C5 ANP E . 8.77 -13.30 6.81
C6 ANP E . 9.86 -14.16 7.08
N6 ANP E . 11.05 -14.08 6.47
N1 ANP E . 9.68 -15.13 8.01
C2 ANP E . 8.49 -15.21 8.62
N3 ANP E . 7.41 -14.45 8.46
C4 ANP E . 7.61 -13.51 7.53
MG MG F . 7.27 -5.81 5.68
S SO4 G . 11.35 9.80 1.63
O1 SO4 G . 12.60 9.90 0.87
O2 SO4 G . 10.34 10.66 1.03
O3 SO4 G . 10.88 8.41 1.62
O4 SO4 G . 11.59 10.21 3.02
C13 QOM H . 14.14 -9.34 2.03
C15 QOM H . 14.96 -7.24 2.79
C22 QOM H . 8.74 -2.81 1.01
C26 QOM H . 10.35 -0.13 1.47
C28 QOM H . 9.59 2.04 0.90
C01 QOM H . 12.60 -1.06 -0.79
C02 QOM H . 12.19 -2.45 -0.38
C03 QOM H . 10.95 -2.96 0.18
C04 QOM H . 10.94 -4.32 0.39
C05 QOM H . 12.09 -5.17 0.08
C07 QOM H . 13.22 -3.32 -0.64
C09 QOM H . 14.42 -5.21 -0.83
C11 QOM H . 13.08 -7.33 1.23
C12 QOM H . 13.17 -8.71 1.24
C14 QOM H . 15.03 -8.61 2.82
C16 QOM H . 14.00 -6.62 2.02
C19 QOM H . 9.77 -4.88 0.93
C25 QOM H . 9.61 -0.72 0.43
C27 QOM H . 10.37 1.24 1.70
C29 QOM H . 8.82 1.47 -0.12
C30 QOM H . 8.82 0.09 -0.37
C32 QOM H . 6.74 2.90 -0.40
C34 QOM H . 5.89 3.86 -1.25
C35 QOM H . 7.54 -4.74 1.74
C36 QOM H . 6.14 -4.54 1.10
C37 QOM H . 6.79 -5.84 0.93
F18 QOM H . 12.30 -9.42 0.48
I17 QOM H . 16.50 -9.51 4.00
N06 QOM H . 13.17 -4.59 -0.43
N10 QOM H . 12.07 -6.64 0.35
N21 QOM H . 8.74 -4.13 1.22
N24 QOM H . 9.79 -2.20 0.47
N31 QOM H . 8.01 2.39 -0.93
O08 QOM H . 14.39 -2.81 -1.18
O20 QOM H . 9.64 -6.25 1.19
O23 QOM H . 7.75 -2.23 1.31
O33 QOM H . 6.35 2.55 0.66
#